data_4ZGN
#
_entry.id   4ZGN
#
_cell.length_a   74.260
_cell.length_b   116.640
_cell.length_c   132.580
_cell.angle_alpha   90.00
_cell.angle_beta   90.00
_cell.angle_gamma   90.00
#
_symmetry.space_group_name_H-M   'C 2 2 21'
#
loop_
_entity.id
_entity.type
_entity.pdbx_description
1 polymer 'Cell division cycle protein 123'
2 polymer 'Eukaryotic translation initiation factor 2 subunit gamma'
3 non-polymer "ADENOSINE-5'-TRIPHOSPHATE"
4 non-polymer 'MAGNESIUM ION'
5 water water
#
loop_
_entity_poly.entity_id
_entity_poly.type
_entity_poly.pdbx_seq_one_letter_code
_entity_poly.pdbx_strand_id
1 'polypeptide(L)'
;GSSHHHHHHSSGLVPRGSHMTLILTKNQVLHCQFSSWYSLFRKLTPKAKVIKPIPATVLKYLHEDSIYVEQPMNTVEEVD
SEEDEESAPAYYPEREAIQLIEKAIKELGGAVVPKLNWSTPKDALWITTTGSLKCTTAEEVLLLLKSSDFVAHDLNHAFD
DCKDFDNADGSVPKDFSFELVLKEWFPMHASTEFRCFVKSKRLIAFCQRDDNYYEFLKENIDCYEKLISDLLKKLDTFPD
PDFVFDVYIHKDRAWLIDINPFYPRTDGLLFSWSELESMNSENMKPEIRLIPKGSMPSTGSAKYYTNRVPFDMIAASEGE
NLLEFAQKWQDLTNKSNE
;
A
2 'polypeptide(L)'
;DRLVGQVVGAKGHLPNIYTDIEINYFLLRRLLGVKTDGQKQAKVRKLEPNEVLMVNIGSTATGARVVAVKADMARLQLTS
PACTEINEKIALSRRIEKHWRLIGWATIKKGTTLEPIA
;
B
#
loop_
_chem_comp.id
_chem_comp.type
_chem_comp.name
_chem_comp.formula
ATP non-polymer ADENOSINE-5'-TRIPHOSPHATE 'C10 H16 N5 O13 P3'
MG non-polymer 'MAGNESIUM ION' 'Mg 2'
#
# COMPACT_ATOMS: atom_id res chain seq x y z
N LEU A 13 -14.47 12.06 39.72
CA LEU A 13 -13.65 11.85 38.52
C LEU A 13 -13.95 12.92 37.43
N VAL A 14 -12.87 13.49 36.85
CA VAL A 14 -12.91 14.55 35.86
C VAL A 14 -13.48 14.07 34.54
N PRO A 15 -14.52 14.74 33.99
CA PRO A 15 -15.05 14.33 32.68
C PRO A 15 -14.15 14.84 31.59
N ARG A 16 -13.52 13.91 30.86
CA ARG A 16 -12.65 14.21 29.75
C ARG A 16 -13.50 14.65 28.58
N GLY A 17 -12.97 15.55 27.77
CA GLY A 17 -13.66 16.02 26.58
C GLY A 17 -13.64 15.02 25.44
N SER A 18 -13.64 15.52 24.22
CA SER A 18 -13.60 14.74 22.98
C SER A 18 -12.48 15.29 22.07
N HIS A 19 -11.40 15.81 22.72
CA HIS A 19 -10.24 16.42 22.07
C HIS A 19 -8.93 15.97 22.74
N MET A 20 -9.00 15.03 23.71
CA MET A 20 -7.85 14.46 24.46
C MET A 20 -6.75 13.85 23.57
N THR A 21 -5.52 13.63 24.14
CA THR A 21 -4.35 13.08 23.43
C THR A 21 -4.57 11.62 22.98
N LEU A 22 -4.71 11.40 21.65
CA LEU A 22 -4.97 10.09 21.07
C LEU A 22 -3.86 9.08 21.29
N ILE A 23 -4.27 7.83 21.53
CA ILE A 23 -3.40 6.67 21.75
C ILE A 23 -3.96 5.48 20.97
N LEU A 24 -3.12 4.45 20.76
CA LEU A 24 -3.56 3.25 20.06
C LEU A 24 -3.75 2.09 21.02
N THR A 25 -4.85 1.33 20.83
CA THR A 25 -5.21 0.18 21.64
C THR A 25 -5.27 -1.09 20.79
N LYS A 26 -4.87 -2.22 21.38
CA LYS A 26 -4.86 -3.58 20.78
C LYS A 26 -6.14 -3.79 19.93
N ASN A 27 -7.33 -3.58 20.55
CA ASN A 27 -8.66 -3.70 19.97
C ASN A 27 -8.87 -2.89 18.71
N GLN A 28 -8.47 -1.60 18.72
CA GLN A 28 -8.56 -0.68 17.59
C GLN A 28 -7.93 -1.31 16.34
N VAL A 29 -6.71 -1.89 16.49
CA VAL A 29 -5.93 -2.57 15.45
C VAL A 29 -6.64 -3.86 14.99
N LEU A 30 -7.20 -4.60 15.95
CA LEU A 30 -7.89 -5.85 15.66
C LEU A 30 -9.16 -5.64 14.84
N HIS A 31 -9.98 -4.61 15.21
CA HIS A 31 -11.24 -4.25 14.55
C HIS A 31 -11.06 -3.76 13.12
N CYS A 32 -9.83 -3.30 12.78
CA CYS A 32 -9.44 -2.77 11.47
C CYS A 32 -8.92 -3.81 10.49
N GLN A 33 -8.85 -5.09 10.92
CA GLN A 33 -8.44 -6.21 10.06
C GLN A 33 -9.50 -6.37 9.00
N PHE A 34 -9.13 -6.83 7.80
CA PHE A 34 -10.08 -6.97 6.71
C PHE A 34 -11.25 -7.87 7.10
N SER A 35 -10.95 -9.05 7.69
CA SER A 35 -11.91 -10.06 8.16
C SER A 35 -12.86 -9.52 9.23
N SER A 36 -12.34 -8.64 10.12
CA SER A 36 -13.08 -8.00 11.20
C SER A 36 -14.20 -7.12 10.69
N TRP A 37 -13.87 -6.12 9.87
CA TRP A 37 -14.90 -5.22 9.38
C TRP A 37 -15.67 -5.78 8.17
N TYR A 38 -15.06 -6.68 7.37
CA TYR A 38 -15.71 -7.27 6.19
C TYR A 38 -16.95 -8.08 6.57
N SER A 39 -16.90 -8.83 7.68
CA SER A 39 -18.04 -9.59 8.20
C SER A 39 -19.23 -8.62 8.45
N LEU A 40 -18.91 -7.45 9.04
CA LEU A 40 -19.85 -6.38 9.39
C LEU A 40 -20.38 -5.61 8.18
N PHE A 41 -19.49 -5.29 7.22
CA PHE A 41 -19.85 -4.44 6.10
C PHE A 41 -19.61 -5.07 4.72
N ARG A 42 -19.96 -6.37 4.57
CA ARG A 42 -19.89 -7.16 3.32
C ARG A 42 -20.70 -6.51 2.19
N LYS A 43 -21.95 -6.08 2.50
CA LYS A 43 -22.91 -5.42 1.63
C LYS A 43 -22.39 -4.15 0.97
N LEU A 44 -21.53 -3.38 1.68
CA LEU A 44 -21.02 -2.06 1.30
C LEU A 44 -19.65 -2.05 0.60
N THR A 45 -19.02 -3.22 0.49
CA THR A 45 -17.67 -3.30 -0.07
C THR A 45 -17.63 -4.19 -1.31
N PRO A 46 -16.85 -3.76 -2.35
CA PRO A 46 -16.74 -4.59 -3.57
C PRO A 46 -16.13 -5.97 -3.32
N LYS A 47 -16.55 -6.98 -4.13
CA LYS A 47 -16.20 -8.41 -4.05
C LYS A 47 -14.75 -8.72 -3.66
N ALA A 48 -14.62 -9.58 -2.66
CA ALA A 48 -13.34 -10.01 -2.13
C ALA A 48 -13.41 -11.44 -1.56
N LYS A 49 -12.26 -12.12 -1.51
CA LYS A 49 -12.11 -13.45 -0.92
C LYS A 49 -10.99 -13.37 0.11
N VAL A 50 -11.23 -13.90 1.32
CA VAL A 50 -10.27 -13.91 2.40
C VAL A 50 -9.84 -15.33 2.72
N ILE A 51 -8.53 -15.59 2.69
CA ILE A 51 -7.96 -16.90 3.04
C ILE A 51 -7.45 -16.77 4.49
N LYS A 52 -8.23 -17.28 5.47
CA LYS A 52 -7.88 -17.16 6.89
C LYS A 52 -7.94 -18.50 7.68
N PRO A 53 -6.83 -18.91 8.35
CA PRO A 53 -5.50 -18.24 8.40
C PRO A 53 -4.69 -18.48 7.14
N ILE A 54 -3.81 -17.53 6.79
CA ILE A 54 -2.90 -17.59 5.63
C ILE A 54 -2.22 -18.97 5.57
N PRO A 55 -2.19 -19.69 4.40
CA PRO A 55 -1.49 -20.98 4.38
C PRO A 55 -0.08 -20.84 4.97
N ALA A 56 0.23 -21.66 6.00
CA ALA A 56 1.50 -21.66 6.74
C ALA A 56 2.74 -21.65 5.86
N THR A 57 2.63 -22.28 4.67
CA THR A 57 3.66 -22.40 3.64
C THR A 57 3.93 -21.03 3.01
N VAL A 58 2.86 -20.26 2.72
CA VAL A 58 2.92 -18.90 2.18
C VAL A 58 3.60 -18.03 3.23
N LEU A 59 3.13 -18.11 4.51
CA LEU A 59 3.70 -17.33 5.63
C LEU A 59 5.19 -17.63 5.85
N LYS A 60 5.59 -18.93 5.85
CA LYS A 60 6.98 -19.34 6.00
C LYS A 60 7.86 -18.76 4.88
N TYR A 61 7.30 -18.69 3.66
CA TYR A 61 7.98 -18.14 2.48
C TYR A 61 8.16 -16.63 2.61
N LEU A 62 7.16 -15.93 3.17
CA LEU A 62 7.23 -14.48 3.40
C LEU A 62 8.33 -14.10 4.41
N HIS A 63 8.65 -14.98 5.37
CA HIS A 63 9.67 -14.72 6.38
C HIS A 63 11.09 -15.02 5.88
N GLU A 64 11.24 -15.84 4.82
CA GLU A 64 12.51 -16.19 4.15
C GLU A 64 13.11 -14.93 3.52
N ASP A 65 14.44 -14.68 3.64
CA ASP A 65 14.97 -13.44 3.03
C ASP A 65 15.26 -13.70 1.53
N SER A 66 15.49 -12.60 0.76
CA SER A 66 15.55 -12.47 -0.70
C SER A 66 14.17 -12.85 -1.28
N ILE A 67 14.00 -12.84 -2.60
CA ILE A 67 12.71 -13.23 -3.13
C ILE A 67 12.98 -14.21 -4.26
N TYR A 68 12.96 -15.51 -3.90
CA TYR A 68 13.21 -16.59 -4.85
C TYR A 68 11.99 -16.90 -5.67
N VAL A 69 12.22 -17.16 -6.96
CA VAL A 69 11.20 -17.47 -7.96
C VAL A 69 11.37 -18.89 -8.52
N GLU A 70 10.24 -19.50 -8.92
CA GLU A 70 10.14 -20.86 -9.44
C GLU A 70 10.54 -21.02 -10.92
N GLN A 71 10.23 -20.01 -11.78
CA GLN A 71 10.44 -19.96 -13.25
C GLN A 71 11.77 -20.53 -13.74
N ALA A 90 16.36 -23.05 -1.55
CA ALA A 90 15.50 -21.87 -1.71
C ALA A 90 14.02 -22.26 -1.61
N TYR A 91 13.36 -21.87 -0.51
CA TYR A 91 11.95 -22.15 -0.25
C TYR A 91 11.01 -21.37 -1.20
N TYR A 92 9.92 -22.04 -1.60
CA TYR A 92 8.83 -21.50 -2.40
C TYR A 92 7.57 -22.18 -1.86
N PRO A 93 6.37 -21.55 -1.82
CA PRO A 93 5.23 -22.23 -1.19
C PRO A 93 4.78 -23.53 -1.87
N GLU A 94 4.19 -24.41 -1.05
CA GLU A 94 3.68 -25.72 -1.43
C GLU A 94 2.56 -25.61 -2.46
N ARG A 95 2.64 -26.40 -3.54
CA ARG A 95 1.71 -26.51 -4.67
C ARG A 95 0.22 -26.35 -4.28
N GLU A 96 -0.15 -26.82 -3.06
CA GLU A 96 -1.47 -26.75 -2.43
C GLU A 96 -1.96 -25.30 -2.30
N ALA A 97 -1.11 -24.44 -1.71
CA ALA A 97 -1.40 -23.02 -1.51
C ALA A 97 -1.48 -22.26 -2.84
N ILE A 98 -0.57 -22.55 -3.80
CA ILE A 98 -0.56 -21.87 -5.10
C ILE A 98 -1.88 -22.15 -5.84
N GLN A 99 -2.32 -23.42 -5.83
CA GLN A 99 -3.58 -23.79 -6.46
C GLN A 99 -4.77 -23.12 -5.76
N LEU A 100 -4.70 -23.00 -4.41
CA LEU A 100 -5.74 -22.36 -3.61
C LEU A 100 -5.88 -20.86 -3.95
N ILE A 101 -4.75 -20.12 -3.96
CA ILE A 101 -4.70 -18.70 -4.32
C ILE A 101 -5.22 -18.55 -5.76
N GLU A 102 -4.71 -19.37 -6.70
CA GLU A 102 -5.10 -19.34 -8.10
C GLU A 102 -6.59 -19.64 -8.32
N LYS A 103 -7.18 -20.50 -7.46
CA LYS A 103 -8.61 -20.84 -7.49
C LYS A 103 -9.42 -19.58 -7.18
N ALA A 104 -9.07 -18.89 -6.07
CA ALA A 104 -9.72 -17.67 -5.66
C ALA A 104 -9.65 -16.59 -6.74
N ILE A 105 -8.51 -16.50 -7.45
CA ILE A 105 -8.27 -15.50 -8.51
C ILE A 105 -9.25 -15.68 -9.68
N LYS A 106 -9.50 -16.92 -10.11
CA LYS A 106 -10.42 -17.14 -11.23
C LYS A 106 -11.86 -16.86 -10.83
N GLU A 107 -12.19 -17.12 -9.54
CA GLU A 107 -13.49 -16.81 -8.92
C GLU A 107 -13.71 -15.27 -8.81
N LEU A 108 -12.63 -14.47 -8.99
CA LEU A 108 -12.67 -13.00 -8.93
C LEU A 108 -12.38 -12.35 -10.31
N GLY A 109 -12.71 -13.09 -11.37
CA GLY A 109 -12.55 -12.64 -12.76
C GLY A 109 -11.16 -12.70 -13.36
N GLY A 110 -10.25 -13.46 -12.75
CA GLY A 110 -8.88 -13.56 -13.25
C GLY A 110 -7.92 -12.49 -12.79
N ALA A 111 -8.43 -11.35 -12.30
CA ALA A 111 -7.59 -10.27 -11.78
C ALA A 111 -7.97 -9.95 -10.35
N VAL A 112 -6.96 -9.74 -9.50
CA VAL A 112 -7.06 -9.51 -8.06
C VAL A 112 -6.07 -8.43 -7.54
N VAL A 113 -6.38 -7.81 -6.38
CA VAL A 113 -5.54 -6.81 -5.69
C VAL A 113 -5.26 -7.42 -4.29
N PRO A 114 -4.00 -7.85 -4.04
CA PRO A 114 -3.71 -8.52 -2.75
C PRO A 114 -3.51 -7.57 -1.60
N LYS A 115 -3.59 -8.10 -0.39
CA LYS A 115 -3.50 -7.37 0.87
C LYS A 115 -3.31 -8.46 1.93
N LEU A 116 -2.63 -8.12 3.02
CA LEU A 116 -2.53 -9.03 4.15
C LEU A 116 -3.68 -8.57 5.08
N ASN A 117 -3.52 -8.53 6.40
CA ASN A 117 -4.64 -8.14 7.25
C ASN A 117 -5.03 -6.69 7.12
N TRP A 118 -4.07 -5.78 6.90
CA TRP A 118 -4.41 -4.36 6.81
C TRP A 118 -3.88 -3.63 5.57
N SER A 119 -2.64 -3.95 5.15
CA SER A 119 -2.01 -3.20 4.08
C SER A 119 -1.84 -3.90 2.77
N THR A 120 -2.00 -3.13 1.66
CA THR A 120 -1.77 -3.58 0.27
C THR A 120 -0.31 -3.23 -0.03
N PRO A 121 0.34 -3.93 -1.00
CA PRO A 121 1.75 -3.63 -1.30
C PRO A 121 1.97 -2.45 -2.29
N LYS A 122 1.28 -1.30 -2.04
CA LYS A 122 1.35 -0.10 -2.90
C LYS A 122 2.73 0.53 -2.99
N ASP A 123 3.62 0.24 -2.04
CA ASP A 123 5.00 0.70 -2.05
C ASP A 123 5.85 -0.10 -3.01
N ALA A 124 5.42 -1.31 -3.42
CA ALA A 124 6.21 -2.18 -4.30
C ALA A 124 5.71 -2.33 -5.76
N LEU A 125 4.98 -1.35 -6.29
CA LEU A 125 4.52 -1.41 -7.67
C LEU A 125 5.69 -1.40 -8.70
N TRP A 126 6.93 -1.06 -8.27
CA TRP A 126 8.10 -1.03 -9.17
C TRP A 126 8.47 -2.44 -9.65
N ILE A 127 8.18 -3.47 -8.80
CA ILE A 127 8.51 -4.87 -9.12
C ILE A 127 7.57 -5.44 -10.14
N THR A 128 6.32 -4.90 -10.19
CA THR A 128 5.26 -5.33 -11.10
C THR A 128 5.56 -5.02 -12.57
N THR A 129 5.08 -5.90 -13.46
CA THR A 129 5.17 -5.80 -14.92
C THR A 129 4.33 -4.61 -15.43
N THR A 130 3.16 -4.36 -14.81
CA THR A 130 2.20 -3.32 -15.24
C THR A 130 2.23 -1.97 -14.43
N GLY A 131 2.96 -1.93 -13.33
CA GLY A 131 3.01 -0.76 -12.48
C GLY A 131 1.76 -0.60 -11.63
N SER A 132 1.05 -1.72 -11.39
CA SER A 132 -0.20 -1.73 -10.61
C SER A 132 -0.29 -2.97 -9.71
N LEU A 133 -1.23 -2.91 -8.74
CA LEU A 133 -1.54 -3.96 -7.79
C LEU A 133 -2.34 -5.11 -8.44
N LYS A 134 -2.68 -4.99 -9.73
CA LYS A 134 -3.39 -6.03 -10.50
C LYS A 134 -2.55 -7.30 -10.54
N CYS A 135 -3.15 -8.44 -10.15
CA CYS A 135 -2.50 -9.74 -10.10
C CYS A 135 -3.39 -10.80 -10.70
N THR A 136 -2.84 -11.53 -11.67
CA THR A 136 -3.50 -12.62 -12.39
C THR A 136 -2.95 -13.96 -11.84
N THR A 137 -1.61 -14.10 -11.85
CA THR A 137 -0.82 -15.23 -11.36
C THR A 137 -0.69 -15.12 -9.82
N ALA A 138 -0.56 -16.28 -9.13
CA ALA A 138 -0.32 -16.33 -7.69
C ALA A 138 1.13 -15.86 -7.39
N GLU A 139 2.04 -15.92 -8.40
CA GLU A 139 3.42 -15.45 -8.27
C GLU A 139 3.40 -13.90 -8.18
N GLU A 140 2.50 -13.28 -8.98
CA GLU A 140 2.36 -11.82 -9.03
C GLU A 140 2.01 -11.29 -7.64
N VAL A 141 1.12 -12.02 -6.93
CA VAL A 141 0.69 -11.75 -5.55
C VAL A 141 1.92 -11.82 -4.63
N LEU A 142 2.64 -12.97 -4.64
CA LEU A 142 3.83 -13.25 -3.82
C LEU A 142 4.95 -12.25 -4.00
N LEU A 143 5.35 -11.99 -5.25
CA LEU A 143 6.36 -10.99 -5.62
C LEU A 143 6.08 -9.64 -4.95
N LEU A 144 4.81 -9.21 -4.95
CA LEU A 144 4.39 -7.96 -4.36
C LEU A 144 4.51 -7.94 -2.83
N LEU A 145 3.88 -8.94 -2.16
CA LEU A 145 3.88 -9.08 -0.70
C LEU A 145 5.30 -9.25 -0.19
N LYS A 146 6.10 -10.03 -0.93
CA LYS A 146 7.48 -10.32 -0.63
C LYS A 146 8.41 -9.11 -0.79
N SER A 147 8.00 -8.03 -1.53
CA SER A 147 8.86 -6.87 -1.73
C SER A 147 8.30 -5.54 -1.17
N SER A 148 7.26 -5.64 -0.32
CA SER A 148 6.59 -4.50 0.28
C SER A 148 6.92 -4.35 1.77
N ASP A 149 7.25 -3.10 2.16
CA ASP A 149 7.54 -2.70 3.53
C ASP A 149 6.25 -2.48 4.29
N PHE A 150 5.15 -2.13 3.59
CA PHE A 150 3.83 -1.98 4.21
C PHE A 150 3.36 -3.37 4.66
N VAL A 151 3.53 -4.38 3.79
CA VAL A 151 3.22 -5.77 4.09
C VAL A 151 4.16 -6.27 5.19
N ALA A 152 5.44 -5.82 5.16
CA ALA A 152 6.44 -6.16 6.18
C ALA A 152 6.04 -5.55 7.52
N HIS A 153 5.32 -4.41 7.48
CA HIS A 153 4.80 -3.79 8.68
C HIS A 153 3.70 -4.69 9.25
N ASP A 154 2.75 -5.14 8.40
CA ASP A 154 1.67 -6.04 8.79
C ASP A 154 2.19 -7.22 9.55
N LEU A 155 3.26 -7.83 9.03
CA LEU A 155 3.91 -9.02 9.58
C LEU A 155 4.61 -8.82 10.93
N ASN A 156 5.34 -7.69 11.11
CA ASN A 156 6.13 -7.48 12.31
C ASN A 156 5.76 -6.32 13.23
N HIS A 157 5.19 -5.24 12.69
CA HIS A 157 4.95 -4.02 13.47
C HIS A 157 3.51 -3.58 13.61
N ALA A 158 2.56 -4.52 13.55
CA ALA A 158 1.14 -4.19 13.67
C ALA A 158 0.74 -3.68 15.05
N PHE A 159 1.45 -4.12 16.10
CA PHE A 159 1.14 -3.78 17.48
C PHE A 159 2.30 -3.05 18.17
N ASP A 160 3.07 -2.28 17.39
CA ASP A 160 4.23 -1.56 17.90
C ASP A 160 3.89 -0.27 18.65
N ASP A 161 2.61 0.12 18.63
CA ASP A 161 2.17 1.35 19.29
C ASP A 161 1.07 1.12 20.35
N CYS A 162 0.61 -0.14 20.49
CA CYS A 162 -0.43 -0.51 21.45
C CYS A 162 0.09 -0.55 22.87
N LYS A 163 -0.49 0.28 23.76
CA LYS A 163 -0.16 0.26 25.18
C LYS A 163 -0.90 -0.93 25.80
N ASP A 164 -2.01 -1.35 25.16
CA ASP A 164 -2.85 -2.47 25.56
C ASP A 164 -2.14 -3.84 25.45
N PHE A 165 -1.29 -4.04 24.42
CA PHE A 165 -0.56 -5.28 24.19
C PHE A 165 0.96 -5.14 24.33
N ASP A 166 1.62 -6.19 24.86
CA ASP A 166 3.07 -6.27 25.05
C ASP A 166 3.70 -7.07 23.90
N ASN A 167 4.34 -6.34 22.97
CA ASN A 167 4.99 -6.90 21.78
C ASN A 167 6.44 -7.37 22.05
N ALA A 168 6.56 -8.64 22.43
CA ALA A 168 7.85 -9.29 22.71
C ALA A 168 8.06 -10.49 21.75
N ASP A 169 6.95 -11.09 21.26
CA ASP A 169 6.94 -12.22 20.32
C ASP A 169 6.02 -12.00 19.11
N PRO A 173 -0.07 -12.36 19.71
CA PRO A 173 -0.88 -11.16 19.87
C PRO A 173 -2.36 -11.44 20.13
N LYS A 174 -2.61 -12.44 20.99
CA LYS A 174 -3.88 -13.01 21.44
C LYS A 174 -4.44 -13.96 20.35
N ASP A 175 -5.79 -14.15 20.29
CA ASP A 175 -6.42 -15.05 19.32
C ASP A 175 -6.48 -14.44 17.90
N PHE A 176 -5.30 -14.09 17.38
CA PHE A 176 -5.07 -13.48 16.07
C PHE A 176 -4.32 -14.43 15.14
N SER A 177 -4.53 -14.24 13.81
CA SER A 177 -3.89 -14.97 12.73
C SER A 177 -3.77 -14.04 11.52
N PHE A 178 -2.74 -14.26 10.70
CA PHE A 178 -2.55 -13.50 9.48
C PHE A 178 -3.52 -13.99 8.42
N GLU A 179 -3.94 -13.08 7.54
CA GLU A 179 -4.89 -13.41 6.49
C GLU A 179 -4.47 -12.84 5.15
N LEU A 180 -4.76 -13.55 4.05
CA LEU A 180 -4.45 -13.09 2.71
C LEU A 180 -5.74 -12.69 2.05
N VAL A 181 -5.89 -11.39 1.82
CA VAL A 181 -7.09 -10.85 1.19
C VAL A 181 -6.84 -10.71 -0.28
N LEU A 182 -7.74 -11.25 -1.09
CA LEU A 182 -7.67 -11.09 -2.52
C LEU A 182 -8.96 -10.36 -2.92
N LYS A 183 -8.82 -9.09 -3.33
CA LYS A 183 -9.98 -8.26 -3.68
C LYS A 183 -10.07 -8.27 -5.20
N GLU A 184 -11.26 -8.55 -5.76
CA GLU A 184 -11.44 -8.56 -7.21
C GLU A 184 -11.00 -7.23 -7.80
N TRP A 185 -10.04 -7.29 -8.74
CA TRP A 185 -9.52 -6.09 -9.39
C TRP A 185 -10.58 -5.42 -10.24
N PHE A 186 -10.59 -4.08 -10.24
CA PHE A 186 -11.45 -3.32 -11.15
C PHE A 186 -10.82 -1.97 -11.54
N PRO A 187 -11.13 -1.44 -12.75
CA PRO A 187 -10.59 -0.12 -13.13
C PRO A 187 -11.20 0.97 -12.25
N MET A 188 -10.46 1.32 -11.20
CA MET A 188 -10.89 2.24 -10.17
C MET A 188 -10.28 3.61 -10.41
N HIS A 189 -11.10 4.65 -10.64
CA HIS A 189 -10.51 5.97 -10.85
C HIS A 189 -10.11 6.63 -9.52
N ALA A 190 -8.79 6.89 -9.35
CA ALA A 190 -8.18 7.51 -8.16
C ALA A 190 -8.77 8.88 -7.83
N SER A 191 -9.48 9.47 -8.80
CA SER A 191 -10.08 10.76 -8.63
C SER A 191 -11.18 10.77 -7.56
N THR A 192 -12.07 9.76 -7.57
CA THR A 192 -13.19 9.69 -6.64
C THR A 192 -12.93 8.71 -5.46
N GLU A 193 -11.70 8.75 -4.93
CA GLU A 193 -11.27 7.99 -3.77
C GLU A 193 -11.08 9.03 -2.71
N PHE A 194 -11.73 8.85 -1.57
CA PHE A 194 -11.66 9.76 -0.44
C PHE A 194 -11.35 9.02 0.85
N ARG A 195 -10.65 9.70 1.76
CA ARG A 195 -10.25 9.23 3.08
C ARG A 195 -11.18 9.97 4.03
N CYS A 196 -11.98 9.24 4.82
CA CYS A 196 -12.97 9.88 5.66
C CYS A 196 -12.70 9.67 7.13
N PHE A 197 -12.57 10.79 7.86
CA PHE A 197 -12.23 10.85 9.28
C PHE A 197 -13.44 10.99 10.19
N VAL A 198 -13.58 10.03 11.13
CA VAL A 198 -14.69 9.93 12.08
C VAL A 198 -14.21 9.96 13.52
N LYS A 199 -14.72 10.92 14.29
CA LYS A 199 -14.42 11.03 15.71
C LYS A 199 -15.78 11.03 16.38
N SER A 200 -15.95 10.10 17.34
CA SER A 200 -17.16 9.87 18.14
C SER A 200 -18.44 9.76 17.26
N LYS A 201 -18.42 8.79 16.32
CA LYS A 201 -19.48 8.44 15.36
C LYS A 201 -19.97 9.62 14.47
N ARG A 202 -19.24 10.76 14.47
CA ARG A 202 -19.56 11.99 13.73
C ARG A 202 -18.49 12.21 12.66
N LEU A 203 -18.89 12.46 11.39
CA LEU A 203 -17.92 12.69 10.30
C LEU A 203 -17.17 14.02 10.47
N ILE A 204 -15.95 13.94 11.02
CA ILE A 204 -15.06 15.06 11.33
C ILE A 204 -14.63 15.86 10.09
N ALA A 205 -14.15 15.15 9.04
CA ALA A 205 -13.62 15.69 7.79
C ALA A 205 -13.36 14.54 6.83
N PHE A 206 -13.10 14.87 5.55
CA PHE A 206 -12.70 13.92 4.50
C PHE A 206 -11.89 14.63 3.46
N CYS A 207 -11.03 13.90 2.74
CA CYS A 207 -10.22 14.46 1.66
C CYS A 207 -10.04 13.47 0.52
N GLN A 208 -9.49 13.98 -0.59
CA GLN A 208 -9.13 13.25 -1.79
C GLN A 208 -7.99 12.30 -1.40
N ARG A 209 -7.91 11.12 -2.02
CA ARG A 209 -6.82 10.18 -1.70
C ARG A 209 -5.62 10.36 -2.64
N ASP A 210 -5.90 10.75 -3.90
CA ASP A 210 -4.87 11.02 -4.92
C ASP A 210 -4.23 12.41 -4.73
N ASP A 211 -3.03 12.62 -5.29
CA ASP A 211 -2.32 13.89 -5.13
C ASP A 211 -2.39 14.80 -6.39
N ASN A 212 -3.24 14.41 -7.39
CA ASN A 212 -3.47 15.17 -8.62
C ASN A 212 -4.76 15.97 -8.59
N TYR A 213 -4.79 17.15 -9.27
CA TYR A 213 -5.97 18.03 -9.37
C TYR A 213 -7.00 17.50 -10.37
N TYR A 214 -8.29 17.48 -9.96
CA TYR A 214 -9.43 17.15 -10.81
C TYR A 214 -10.48 18.26 -10.66
N GLU A 215 -10.82 18.95 -11.79
CA GLU A 215 -11.78 20.06 -11.86
C GLU A 215 -13.20 19.66 -11.49
N PHE A 216 -13.61 18.45 -11.92
CA PHE A 216 -14.96 17.94 -11.66
C PHE A 216 -15.28 17.67 -10.19
N LEU A 217 -14.25 17.62 -9.31
CA LEU A 217 -14.50 17.30 -7.90
C LEU A 217 -15.21 18.42 -7.15
N LYS A 218 -14.78 19.69 -7.35
CA LYS A 218 -15.41 20.86 -6.70
C LYS A 218 -16.90 20.95 -7.10
N GLU A 219 -17.21 20.63 -8.37
CA GLU A 219 -18.55 20.61 -8.98
C GLU A 219 -19.50 19.64 -8.30
N ASN A 220 -18.99 18.43 -7.91
CA ASN A 220 -19.80 17.35 -7.32
C ASN A 220 -19.55 17.09 -5.83
N ILE A 221 -18.70 17.90 -5.18
CA ILE A 221 -18.32 17.73 -3.78
C ILE A 221 -19.51 17.63 -2.80
N ASP A 222 -20.59 18.40 -3.02
CA ASP A 222 -21.77 18.38 -2.13
C ASP A 222 -22.45 17.03 -2.23
N CYS A 223 -22.46 16.48 -3.44
CA CYS A 223 -23.04 15.18 -3.70
C CYS A 223 -22.20 14.05 -3.10
N TYR A 224 -20.85 14.15 -3.22
CA TYR A 224 -19.92 13.19 -2.62
C TYR A 224 -20.06 13.25 -1.09
N GLU A 225 -20.13 14.48 -0.52
CA GLU A 225 -20.29 14.65 0.92
C GLU A 225 -21.57 13.95 1.45
N LYS A 226 -22.69 14.04 0.69
CA LYS A 226 -23.96 13.38 1.02
C LYS A 226 -23.71 11.85 0.98
N LEU A 227 -23.17 11.34 -0.17
CA LEU A 227 -22.85 9.94 -0.38
C LEU A 227 -21.99 9.35 0.70
N ILE A 228 -20.93 10.09 1.14
CA ILE A 228 -20.03 9.55 2.16
C ILE A 228 -20.74 9.61 3.58
N SER A 229 -21.50 10.70 3.88
CA SER A 229 -22.21 10.87 5.16
C SER A 229 -23.30 9.81 5.39
N ASP A 230 -23.99 9.43 4.30
CA ASP A 230 -25.02 8.39 4.29
C ASP A 230 -24.37 7.03 4.51
N LEU A 231 -23.14 6.79 3.95
CA LEU A 231 -22.41 5.53 4.15
C LEU A 231 -22.06 5.34 5.63
N LEU A 232 -21.60 6.41 6.31
CA LEU A 232 -21.25 6.43 7.73
C LEU A 232 -22.45 5.99 8.57
N LYS A 233 -23.68 6.35 8.13
CA LYS A 233 -24.93 5.95 8.77
C LYS A 233 -25.04 4.40 8.76
N LYS A 234 -24.48 3.77 7.70
CA LYS A 234 -24.44 2.32 7.55
C LYS A 234 -23.26 1.69 8.31
N LEU A 235 -22.39 2.52 8.94
CA LEU A 235 -21.24 2.06 9.73
C LEU A 235 -21.40 2.24 11.26
N ASP A 236 -22.65 2.43 11.76
CA ASP A 236 -22.91 2.58 13.21
C ASP A 236 -22.62 1.29 14.00
N THR A 237 -22.61 0.13 13.29
CA THR A 237 -22.32 -1.17 13.89
C THR A 237 -20.82 -1.30 14.21
N PHE A 238 -19.93 -0.50 13.54
CA PHE A 238 -18.48 -0.54 13.75
C PHE A 238 -18.12 -0.36 15.24
N PRO A 239 -17.29 -1.29 15.77
CA PRO A 239 -16.96 -1.30 17.22
C PRO A 239 -16.45 -0.02 17.89
N ASP A 240 -15.52 0.71 17.24
CA ASP A 240 -14.92 1.90 17.83
C ASP A 240 -15.61 3.20 17.37
N PRO A 241 -15.57 4.27 18.18
CA PRO A 241 -16.19 5.54 17.74
C PRO A 241 -15.26 6.41 16.87
N ASP A 242 -13.97 6.05 16.80
CA ASP A 242 -12.98 6.78 16.00
C ASP A 242 -12.25 5.85 15.02
N PHE A 243 -12.48 6.08 13.73
CA PHE A 243 -11.89 5.31 12.65
C PHE A 243 -11.77 6.19 11.40
N VAL A 244 -10.95 5.74 10.44
CA VAL A 244 -10.72 6.39 9.14
C VAL A 244 -11.19 5.40 8.07
N PHE A 245 -12.28 5.74 7.35
CA PHE A 245 -12.79 4.85 6.32
C PHE A 245 -12.48 5.40 4.95
N ASP A 246 -11.89 4.54 4.14
CA ASP A 246 -11.51 4.87 2.79
C ASP A 246 -12.65 4.46 1.90
N VAL A 247 -12.98 5.34 0.94
CA VAL A 247 -14.15 5.23 0.07
C VAL A 247 -13.79 5.31 -1.44
N TYR A 248 -14.67 4.78 -2.31
CA TYR A 248 -14.57 4.85 -3.76
C TYR A 248 -15.95 5.19 -4.32
N ILE A 249 -16.10 6.37 -4.91
CA ILE A 249 -17.39 6.82 -5.44
C ILE A 249 -17.45 6.64 -6.94
N HIS A 250 -18.36 5.77 -7.39
CA HIS A 250 -18.59 5.49 -8.81
C HIS A 250 -20.09 5.55 -8.98
N LYS A 251 -20.54 6.30 -9.99
CA LYS A 251 -21.95 6.58 -10.28
C LYS A 251 -22.56 7.37 -9.10
N ASP A 252 -23.60 6.85 -8.45
CA ASP A 252 -24.17 7.50 -7.28
C ASP A 252 -23.93 6.54 -6.10
N ARG A 253 -22.75 5.89 -6.10
CA ARG A 253 -22.39 4.92 -5.07
C ARG A 253 -21.10 5.23 -4.39
N ALA A 254 -21.12 5.25 -3.06
CA ALA A 254 -19.94 5.48 -2.23
C ALA A 254 -19.57 4.15 -1.63
N TRP A 255 -18.64 3.45 -2.30
CA TRP A 255 -18.17 2.13 -1.91
C TRP A 255 -17.15 2.21 -0.78
N LEU A 256 -17.27 1.32 0.22
CA LEU A 256 -16.32 1.23 1.34
C LEU A 256 -15.15 0.38 0.87
N ILE A 257 -13.93 0.90 0.98
CA ILE A 257 -12.73 0.19 0.53
C ILE A 257 -11.96 -0.44 1.70
N ASP A 258 -11.85 0.29 2.82
CA ASP A 258 -11.14 -0.16 4.01
C ASP A 258 -11.48 0.69 5.21
N ILE A 259 -11.19 0.17 6.42
CA ILE A 259 -11.33 0.86 7.70
C ILE A 259 -9.97 0.82 8.39
N ASN A 260 -9.35 1.97 8.46
CA ASN A 260 -8.04 2.22 9.03
C ASN A 260 -8.26 2.82 10.43
N PRO A 261 -7.33 2.66 11.41
CA PRO A 261 -7.57 3.23 12.74
C PRO A 261 -7.48 4.75 12.80
N PHE A 262 -8.10 5.37 13.82
CA PHE A 262 -8.00 6.81 14.01
C PHE A 262 -6.75 7.06 14.87
N TYR A 263 -5.57 6.99 14.23
CA TYR A 263 -4.24 7.13 14.83
C TYR A 263 -3.22 7.56 13.76
N PRO A 264 -2.24 8.45 14.10
CA PRO A 264 -1.28 8.94 13.09
C PRO A 264 -0.57 7.88 12.24
N ARG A 265 -0.63 6.58 12.66
CA ARG A 265 -0.13 5.43 11.89
C ARG A 265 -0.75 5.55 10.49
N THR A 266 -2.09 5.73 10.40
CA THR A 266 -2.73 5.92 9.09
C THR A 266 -2.61 7.37 8.66
N ASP A 267 -2.15 7.56 7.41
CA ASP A 267 -1.87 8.85 6.78
C ASP A 267 -3.06 9.80 6.73
N GLY A 268 -2.90 10.92 7.44
CA GLY A 268 -3.90 11.99 7.53
C GLY A 268 -4.09 12.70 6.22
N LEU A 269 -3.21 12.41 5.26
CA LEU A 269 -3.14 12.97 3.90
C LEU A 269 -3.05 14.50 3.93
N LEU A 270 -4.11 15.22 3.45
CA LEU A 270 -4.22 16.68 3.36
C LEU A 270 -4.56 17.31 4.73
N PHE A 271 -4.54 16.47 5.78
CA PHE A 271 -4.81 16.85 7.14
C PHE A 271 -3.68 16.42 8.04
N SER A 272 -3.30 17.29 9.01
CA SER A 272 -2.27 16.92 9.98
C SER A 272 -2.99 16.20 11.09
N TRP A 273 -2.30 15.32 11.82
CA TRP A 273 -2.96 14.62 12.91
C TRP A 273 -3.22 15.56 14.11
N SER A 274 -2.57 16.75 14.13
CA SER A 274 -2.81 17.77 15.15
C SER A 274 -4.09 18.53 14.80
N GLU A 275 -4.39 18.69 13.49
CA GLU A 275 -5.60 19.35 12.97
C GLU A 275 -6.81 18.48 13.28
N LEU A 276 -6.67 17.14 13.09
CA LEU A 276 -7.74 16.17 13.30
C LEU A 276 -8.16 16.10 14.75
N GLU A 277 -7.20 16.23 15.68
CA GLU A 277 -7.44 16.25 17.13
C GLU A 277 -8.17 17.54 17.51
N SER A 278 -7.77 18.69 16.93
CA SER A 278 -8.32 20.03 17.17
C SER A 278 -9.76 20.26 16.66
N MET A 279 -10.30 19.35 15.83
CA MET A 279 -11.63 19.48 15.23
C MET A 279 -12.80 19.14 16.17
N ASN A 280 -13.86 19.97 16.09
CA ASN A 280 -15.13 19.84 16.81
C ASN A 280 -15.90 18.61 16.31
N SER A 281 -16.02 17.58 17.17
CA SER A 281 -16.77 16.35 16.88
C SER A 281 -18.27 16.52 17.18
N GLU A 282 -18.66 17.79 17.47
CA GLU A 282 -20.00 18.26 17.78
C GLU A 282 -20.62 18.92 16.56
N ASN A 283 -19.78 19.57 15.73
CA ASN A 283 -20.17 20.28 14.50
C ASN A 283 -20.84 19.37 13.45
N MET A 284 -22.03 19.82 12.98
CA MET A 284 -22.90 19.19 11.97
C MET A 284 -22.28 19.14 10.56
N LYS A 285 -21.20 19.92 10.31
CA LYS A 285 -20.54 19.98 9.00
C LYS A 285 -19.05 19.56 9.02
N PRO A 286 -18.63 18.61 8.15
CA PRO A 286 -17.22 18.20 8.11
C PRO A 286 -16.33 19.10 7.26
N GLU A 287 -15.00 19.07 7.50
CA GLU A 287 -14.06 19.84 6.69
C GLU A 287 -13.58 19.05 5.49
N ILE A 288 -13.85 19.55 4.29
CA ILE A 288 -13.47 18.92 3.05
C ILE A 288 -12.19 19.56 2.49
N ARG A 289 -11.27 18.74 1.97
CA ARG A 289 -10.01 19.20 1.41
C ARG A 289 -9.72 18.53 0.05
N LEU A 290 -9.52 19.36 -0.99
CA LEU A 290 -9.25 18.90 -2.34
C LEU A 290 -7.91 19.43 -2.83
N ILE A 291 -7.30 18.75 -3.83
CA ILE A 291 -6.03 19.21 -4.42
C ILE A 291 -6.35 20.48 -5.23
N PRO A 292 -5.63 21.59 -4.96
CA PRO A 292 -5.93 22.83 -5.68
C PRO A 292 -5.23 22.98 -7.04
N LYS A 293 -5.81 23.85 -7.93
CA LYS A 293 -5.34 24.15 -9.29
C LYS A 293 -3.98 24.85 -9.31
N ALA A 316 -11.98 33.62 -16.60
CA ALA A 316 -13.30 33.22 -16.07
C ALA A 316 -14.42 33.95 -16.81
N SER A 317 -15.56 33.24 -17.00
CA SER A 317 -16.74 33.72 -17.71
C SER A 317 -17.43 34.86 -17.02
N GLU A 318 -18.10 35.70 -17.81
CA GLU A 318 -18.91 36.82 -17.32
C GLU A 318 -19.97 36.33 -16.33
N GLY A 319 -20.55 35.16 -16.56
CA GLY A 319 -21.54 34.55 -15.67
C GLY A 319 -20.96 34.10 -14.33
N GLU A 320 -19.80 33.43 -14.35
CA GLU A 320 -19.06 32.98 -13.17
C GLU A 320 -18.71 34.18 -12.28
N ASN A 321 -18.24 35.27 -12.90
CA ASN A 321 -17.88 36.52 -12.22
C ASN A 321 -19.02 37.10 -11.43
N LEU A 322 -20.19 37.24 -12.05
CA LEU A 322 -21.24 37.89 -11.30
C LEU A 322 -22.02 36.93 -10.41
N LEU A 323 -21.88 35.61 -10.58
CA LEU A 323 -22.46 34.63 -9.65
C LEU A 323 -21.60 34.70 -8.35
N GLU A 324 -20.28 34.91 -8.53
CA GLU A 324 -19.28 35.11 -7.47
C GLU A 324 -19.55 36.45 -6.78
N PHE A 325 -19.90 37.49 -7.56
CA PHE A 325 -20.21 38.83 -7.05
C PHE A 325 -21.58 38.89 -6.41
N ALA A 326 -22.38 37.84 -6.53
CA ALA A 326 -23.69 37.73 -5.91
C ALA A 326 -23.52 37.18 -4.49
N GLN A 327 -22.47 36.37 -4.25
CA GLN A 327 -22.16 35.80 -2.94
C GLN A 327 -21.53 36.89 -2.06
N LYS A 328 -20.59 37.68 -2.62
CA LYS A 328 -19.91 38.77 -1.92
C LYS A 328 -20.90 39.86 -1.48
N TRP A 329 -22.15 39.78 -1.99
CA TRP A 329 -23.31 40.63 -1.72
C TRP A 329 -23.99 40.09 -0.45
N GLN A 330 -23.94 38.76 -0.26
CA GLN A 330 -24.50 38.07 0.90
C GLN A 330 -23.54 38.07 2.11
N ASP A 331 -22.31 38.60 1.95
CA ASP A 331 -21.30 38.75 3.00
C ASP A 331 -21.48 40.13 3.66
N LEU A 332 -22.24 41.00 2.99
CA LEU A 332 -22.59 42.36 3.42
C LEU A 332 -23.88 42.27 4.26
N THR A 333 -24.58 41.10 4.20
CA THR A 333 -25.84 40.84 4.91
C THR A 333 -25.60 40.15 6.27
N ASN A 334 -25.22 38.85 6.26
CA ASN A 334 -24.96 38.03 7.44
C ASN A 334 -23.51 37.61 7.54
N LEU B 14 23.45 6.70 -26.18
CA LEU B 14 22.68 5.71 -26.95
C LEU B 14 21.51 5.13 -26.09
N PRO B 15 20.44 5.92 -25.78
CA PRO B 15 19.39 5.39 -24.88
C PRO B 15 18.36 4.49 -25.54
N ASN B 16 17.96 3.40 -24.83
CA ASN B 16 16.99 2.42 -25.30
C ASN B 16 16.25 1.69 -24.17
N ILE B 17 15.13 1.05 -24.51
CA ILE B 17 14.27 0.29 -23.62
C ILE B 17 14.72 -1.19 -23.64
N TYR B 18 15.27 -1.71 -22.51
CA TYR B 18 15.77 -3.09 -22.41
C TYR B 18 14.94 -4.00 -21.50
N THR B 19 14.85 -5.31 -21.83
CA THR B 19 14.12 -6.30 -21.01
C THR B 19 15.07 -7.17 -20.19
N ASP B 20 16.23 -7.49 -20.77
CA ASP B 20 17.29 -8.30 -20.18
C ASP B 20 18.62 -7.54 -20.29
N ILE B 21 19.41 -7.53 -19.20
CA ILE B 21 20.71 -6.83 -19.16
C ILE B 21 21.85 -7.73 -18.66
N GLU B 22 23.05 -7.56 -19.24
CA GLU B 22 24.24 -8.33 -18.83
C GLU B 22 25.17 -7.37 -18.10
N ILE B 23 25.31 -7.56 -16.78
CA ILE B 23 26.08 -6.67 -15.93
C ILE B 23 27.43 -7.19 -15.46
N ASN B 24 28.37 -6.27 -15.32
CA ASN B 24 29.67 -6.54 -14.75
C ASN B 24 29.54 -5.95 -13.35
N TYR B 25 29.53 -6.80 -12.32
CA TYR B 25 29.27 -6.39 -10.95
C TYR B 25 30.42 -6.59 -9.94
N PHE B 26 30.20 -6.09 -8.71
CA PHE B 26 31.02 -6.26 -7.51
C PHE B 26 30.10 -6.14 -6.30
N LEU B 27 30.24 -7.07 -5.35
CA LEU B 27 29.42 -7.09 -4.14
C LEU B 27 30.19 -6.56 -2.94
N LEU B 28 29.45 -6.13 -1.91
CA LEU B 28 29.99 -5.63 -0.65
C LEU B 28 30.43 -6.84 0.15
N ARG B 29 31.42 -6.65 1.04
CA ARG B 29 31.93 -7.71 1.90
C ARG B 29 30.78 -8.05 2.86
N ARG B 30 30.09 -7.00 3.34
CA ARG B 30 28.95 -7.07 4.25
C ARG B 30 28.04 -5.81 4.15
N LEU B 31 26.81 -5.92 4.72
CA LEU B 31 25.79 -4.86 4.75
C LEU B 31 26.27 -3.57 5.45
N LEU B 32 25.69 -2.44 5.05
CA LEU B 32 26.03 -1.10 5.55
C LEU B 32 25.51 -0.84 6.97
N GLY B 33 26.24 0.00 7.70
CA GLY B 33 25.89 0.39 9.05
C GLY B 33 26.80 -0.23 10.06
N VAL B 34 26.58 0.11 11.32
CA VAL B 34 27.33 -0.37 12.45
C VAL B 34 26.30 -0.86 13.44
N LYS B 35 26.40 -2.12 13.91
CA LYS B 35 25.43 -2.58 14.90
C LYS B 35 25.79 -2.00 16.29
N THR B 36 24.79 -1.37 16.95
CA THR B 36 24.90 -0.70 18.26
C THR B 36 25.47 -1.61 19.35
N ASP B 37 25.26 -2.94 19.21
CA ASP B 37 25.74 -4.00 20.12
C ASP B 37 27.26 -4.09 20.10
N GLY B 38 27.85 -3.67 18.98
CA GLY B 38 29.28 -3.74 18.72
C GLY B 38 29.54 -4.84 17.70
N GLN B 39 28.49 -5.66 17.44
CA GLN B 39 28.48 -6.80 16.51
C GLN B 39 28.69 -6.35 15.04
N LYS B 40 29.27 -7.26 14.22
CA LYS B 40 29.56 -7.07 12.79
C LYS B 40 28.31 -7.23 11.90
N GLN B 41 28.19 -6.41 10.83
CA GLN B 41 27.05 -6.50 9.91
C GLN B 41 27.17 -7.79 9.12
N ALA B 42 26.02 -8.40 8.80
CA ALA B 42 25.97 -9.69 8.11
C ALA B 42 26.65 -9.66 6.75
N LYS B 43 27.45 -10.71 6.44
CA LYS B 43 28.20 -10.85 5.19
C LYS B 43 27.24 -10.91 4.00
N VAL B 44 27.56 -10.16 2.90
CA VAL B 44 26.78 -10.15 1.64
C VAL B 44 27.09 -11.47 0.92
N ARG B 45 26.05 -12.28 0.70
CA ARG B 45 26.17 -13.59 0.06
C ARG B 45 26.06 -13.51 -1.45
N LYS B 46 26.71 -14.48 -2.14
CA LYS B 46 26.81 -14.69 -3.60
C LYS B 46 25.49 -14.45 -4.35
N LEU B 47 25.57 -13.88 -5.58
CA LEU B 47 24.40 -13.67 -6.44
C LEU B 47 23.84 -15.04 -6.82
N GLU B 48 22.53 -15.25 -6.57
CA GLU B 48 21.92 -16.54 -6.82
C GLU B 48 20.92 -16.54 -7.98
N PRO B 49 20.95 -17.56 -8.87
CA PRO B 49 19.98 -17.59 -9.95
C PRO B 49 18.57 -17.82 -9.40
N ASN B 50 17.56 -17.25 -10.08
CA ASN B 50 16.13 -17.27 -9.78
C ASN B 50 15.82 -16.57 -8.45
N GLU B 51 16.50 -15.45 -8.22
CA GLU B 51 16.37 -14.58 -7.07
C GLU B 51 16.04 -13.22 -7.69
N VAL B 52 15.01 -12.52 -7.17
CA VAL B 52 14.65 -11.25 -7.75
C VAL B 52 15.30 -10.11 -6.96
N LEU B 53 16.17 -9.36 -7.63
CA LEU B 53 16.84 -8.27 -6.94
C LEU B 53 16.07 -7.00 -7.14
N MET B 54 16.61 -5.88 -6.67
CA MET B 54 16.03 -4.57 -6.85
C MET B 54 17.14 -3.70 -7.35
N VAL B 55 17.09 -3.46 -8.63
CA VAL B 55 18.06 -2.71 -9.38
C VAL B 55 17.63 -1.24 -9.54
N ASN B 56 18.59 -0.31 -9.38
CA ASN B 56 18.42 1.13 -9.57
C ASN B 56 19.19 1.50 -10.82
N ILE B 57 18.46 1.56 -11.97
CA ILE B 57 18.99 1.88 -13.29
C ILE B 57 18.66 3.34 -13.52
N GLY B 58 19.38 4.21 -12.82
CA GLY B 58 19.12 5.64 -12.85
C GLY B 58 18.02 5.97 -11.85
N SER B 59 16.91 6.57 -12.34
CA SER B 59 15.73 6.94 -11.53
C SER B 59 14.76 5.75 -11.48
N THR B 60 15.00 4.79 -12.39
CA THR B 60 14.24 3.56 -12.55
C THR B 60 14.63 2.62 -11.40
N ALA B 61 13.61 2.06 -10.73
CA ALA B 61 13.72 1.03 -9.71
C ALA B 61 12.87 -0.11 -10.26
N THR B 62 13.48 -1.28 -10.51
CA THR B 62 12.79 -2.47 -11.01
C THR B 62 13.41 -3.68 -10.42
N GLY B 63 12.67 -4.77 -10.49
CA GLY B 63 13.12 -6.08 -10.06
C GLY B 63 13.92 -6.66 -11.20
N ALA B 64 14.85 -7.54 -10.89
CA ALA B 64 15.66 -8.17 -11.89
C ALA B 64 15.88 -9.58 -11.46
N ARG B 65 15.31 -10.52 -12.22
CA ARG B 65 15.48 -11.94 -11.96
C ARG B 65 16.91 -12.33 -12.42
N VAL B 66 17.71 -12.90 -11.51
CA VAL B 66 19.07 -13.34 -11.81
C VAL B 66 18.91 -14.66 -12.56
N VAL B 67 19.29 -14.71 -13.84
CA VAL B 67 19.08 -15.95 -14.59
C VAL B 67 20.36 -16.81 -14.61
N ALA B 68 21.56 -16.18 -14.66
CA ALA B 68 22.87 -16.84 -14.68
C ALA B 68 23.95 -15.89 -14.16
N VAL B 69 25.05 -16.46 -13.64
CA VAL B 69 26.20 -15.72 -13.11
C VAL B 69 27.47 -16.46 -13.52
N LYS B 70 28.56 -15.72 -13.84
CA LYS B 70 29.86 -16.30 -14.11
C LYS B 70 30.77 -15.83 -12.98
N ALA B 71 31.74 -14.94 -13.25
CA ALA B 71 32.61 -14.43 -12.19
C ALA B 71 32.00 -13.10 -11.76
N ASP B 72 32.56 -11.97 -12.22
CA ASP B 72 32.03 -10.65 -11.92
C ASP B 72 31.04 -10.26 -13.02
N MET B 73 30.36 -11.28 -13.59
CA MET B 73 29.37 -11.16 -14.65
C MET B 73 28.04 -11.80 -14.25
N ALA B 74 26.93 -11.12 -14.56
CA ALA B 74 25.59 -11.62 -14.26
C ALA B 74 24.61 -11.28 -15.37
N ARG B 75 23.64 -12.17 -15.62
CA ARG B 75 22.60 -11.95 -16.62
C ARG B 75 21.30 -11.75 -15.88
N LEU B 76 20.76 -10.51 -15.88
CA LEU B 76 19.49 -10.16 -15.23
C LEU B 76 18.39 -9.90 -16.25
N GLN B 77 17.18 -10.42 -15.97
CA GLN B 77 15.99 -10.21 -16.79
C GLN B 77 15.02 -9.38 -15.96
N LEU B 78 14.94 -8.08 -16.28
CA LEU B 78 14.06 -7.08 -15.63
C LEU B 78 12.59 -7.51 -15.59
N THR B 79 11.86 -7.06 -14.55
CA THR B 79 10.46 -7.37 -14.30
C THR B 79 9.51 -6.68 -15.28
N SER B 80 9.99 -5.56 -15.85
CA SER B 80 9.33 -4.69 -16.82
C SER B 80 10.43 -3.88 -17.59
N PRO B 81 10.19 -3.46 -18.85
CA PRO B 81 11.25 -2.78 -19.60
C PRO B 81 11.73 -1.47 -18.99
N ALA B 82 13.07 -1.25 -18.99
CA ALA B 82 13.71 -0.06 -18.46
C ALA B 82 14.44 0.75 -19.53
N CYS B 83 14.50 2.07 -19.34
CA CYS B 83 15.19 3.02 -20.20
C CYS B 83 16.62 3.31 -19.68
N THR B 84 17.64 2.83 -20.42
CA THR B 84 19.07 3.07 -20.19
C THR B 84 19.93 2.92 -21.42
N GLU B 85 21.25 2.89 -21.19
CA GLU B 85 22.27 2.72 -22.21
C GLU B 85 23.26 1.72 -21.64
N ILE B 86 24.13 1.22 -22.53
CA ILE B 86 25.25 0.34 -22.23
C ILE B 86 26.23 1.27 -21.49
N ASN B 87 26.94 0.71 -20.48
CA ASN B 87 27.92 1.36 -19.58
C ASN B 87 27.26 2.25 -18.53
N GLU B 88 25.98 1.98 -18.23
CA GLU B 88 25.25 2.73 -17.22
C GLU B 88 25.54 2.10 -15.87
N LYS B 89 25.87 2.93 -14.87
CA LYS B 89 26.14 2.50 -13.50
C LYS B 89 24.81 2.16 -12.81
N ILE B 90 24.77 0.99 -12.18
CA ILE B 90 23.62 0.40 -11.51
C ILE B 90 23.90 0.02 -10.03
N ALA B 91 22.86 0.05 -9.19
CA ALA B 91 22.96 -0.36 -7.79
C ALA B 91 22.11 -1.59 -7.57
N LEU B 92 22.75 -2.69 -7.14
CA LEU B 92 22.08 -3.97 -6.84
C LEU B 92 21.63 -4.02 -5.37
N SER B 93 20.39 -4.46 -5.14
CA SER B 93 19.84 -4.58 -3.79
C SER B 93 19.10 -5.93 -3.59
N ARG B 94 19.17 -6.47 -2.34
CA ARG B 94 18.54 -7.75 -1.92
C ARG B 94 17.61 -7.50 -0.75
N ARG B 95 16.55 -8.32 -0.64
CA ARG B 95 15.59 -8.19 0.44
C ARG B 95 16.15 -8.88 1.66
N ILE B 96 16.78 -8.12 2.58
CA ILE B 96 17.34 -8.76 3.77
C ILE B 96 16.69 -8.19 5.05
N GLU B 97 15.96 -9.06 5.77
CA GLU B 97 15.25 -8.78 7.03
C GLU B 97 14.09 -7.80 6.81
N LYS B 98 13.40 -7.95 5.67
CA LYS B 98 12.26 -7.13 5.26
C LYS B 98 12.67 -5.64 5.11
N HIS B 99 13.81 -5.47 4.42
CA HIS B 99 14.44 -4.20 4.05
C HIS B 99 15.19 -4.44 2.76
N TRP B 100 15.15 -3.44 1.88
CA TRP B 100 15.91 -3.51 0.64
C TRP B 100 17.33 -3.00 0.94
N ARG B 101 18.21 -3.96 1.25
CA ARG B 101 19.61 -3.70 1.54
C ARG B 101 20.43 -3.66 0.27
N LEU B 102 21.35 -2.70 0.16
CA LEU B 102 22.27 -2.57 -0.96
C LEU B 102 23.33 -3.68 -0.83
N ILE B 103 23.41 -4.55 -1.86
CA ILE B 103 24.38 -5.66 -1.85
C ILE B 103 25.61 -5.38 -2.72
N GLY B 104 25.44 -4.62 -3.79
CA GLY B 104 26.54 -4.27 -4.68
C GLY B 104 26.24 -3.22 -5.71
N TRP B 105 27.16 -3.10 -6.68
CA TRP B 105 27.14 -2.15 -7.79
C TRP B 105 27.48 -2.84 -9.09
N ALA B 106 27.05 -2.27 -10.24
CA ALA B 106 27.33 -2.82 -11.56
C ALA B 106 27.29 -1.81 -12.72
N THR B 107 27.61 -2.29 -13.96
CA THR B 107 27.55 -1.54 -15.23
C THR B 107 26.96 -2.43 -16.32
N ILE B 108 26.02 -1.88 -17.12
CA ILE B 108 25.42 -2.60 -18.25
C ILE B 108 26.52 -2.82 -19.29
N LYS B 109 26.66 -4.06 -19.76
CA LYS B 109 27.65 -4.43 -20.77
C LYS B 109 26.94 -4.80 -22.08
N LYS B 110 25.81 -5.52 -21.99
CA LYS B 110 24.97 -5.93 -23.12
C LYS B 110 23.53 -5.84 -22.67
N GLY B 111 22.64 -5.66 -23.64
CA GLY B 111 21.22 -5.58 -23.36
C GLY B 111 20.35 -6.04 -24.50
N THR B 112 19.17 -6.58 -24.18
CA THR B 112 18.22 -7.04 -25.19
C THR B 112 17.03 -6.06 -25.19
N THR B 113 16.84 -5.36 -26.33
CA THR B 113 15.76 -4.37 -26.53
C THR B 113 14.38 -5.02 -26.51
N LEU B 114 13.32 -4.22 -26.22
CA LEU B 114 11.94 -4.71 -26.18
C LEU B 114 11.51 -5.27 -27.55
N GLU B 115 11.63 -4.46 -28.63
CA GLU B 115 11.26 -4.85 -29.99
C GLU B 115 12.39 -4.69 -31.07
N PRO B 116 13.21 -3.60 -31.09
CA PRO B 116 14.23 -3.49 -32.16
C PRO B 116 15.42 -4.44 -32.02
PG ATP C . -3.71 2.59 3.16
O1G ATP C . -3.57 3.94 2.43
O2G ATP C . -2.34 1.91 3.22
O3G ATP C . -4.34 2.72 4.54
PB ATP C . -4.49 0.07 1.94
O1B ATP C . -5.28 -0.59 3.07
O2B ATP C . -3.09 -0.43 1.95
O3B ATP C . -4.56 1.64 2.19
PA ATP C . -6.57 -0.01 -0.21
O1A ATP C . -7.30 1.25 0.26
O2A ATP C . -7.49 -1.19 -0.13
O3A ATP C . -5.20 -0.31 0.56
O5' ATP C . -5.95 0.27 -1.64
C5' ATP C . -4.86 1.18 -1.93
C4' ATP C . -5.03 1.59 -3.36
O4' ATP C . -5.13 0.42 -4.19
C3' ATP C . -6.28 2.40 -3.67
O3' ATP C . -6.09 3.78 -3.40
C2' ATP C . -6.49 2.11 -5.17
O2' ATP C . -5.66 2.93 -5.99
C1' ATP C . -6.03 0.64 -5.25
N9 ATP C . -7.11 -0.35 -5.18
C8 ATP C . -7.65 -0.92 -4.05
N7 ATP C . -8.52 -1.87 -4.30
C5 ATP C . -8.56 -1.94 -5.68
C6 ATP C . -9.27 -2.77 -6.58
N6 ATP C . -10.07 -3.76 -6.18
N1 ATP C . -9.09 -2.55 -7.90
C2 ATP C . -8.23 -1.60 -8.30
N3 ATP C . -7.49 -0.78 -7.55
C4 ATP C . -7.70 -0.99 -6.24
MG MG D . -5.81 0.60 4.74
#